data_2WNE
#
_entry.id   2WNE
#
_cell.length_a   38.175
_cell.length_b   47.911
_cell.length_c   152.766
_cell.angle_alpha   90.00
_cell.angle_beta   90.00
_cell.angle_gamma   90.00
#
_symmetry.space_group_name_H-M   'P 21 21 21'
#
loop_
_entity.id
_entity.type
_entity.pdbx_description
1 polymer 'PUTATIVE LAMINARINASE'
2 branched beta-D-glucopyranose-(1-3)-beta-D-glucopyranose-(1-3)-beta-D-glucopyranose-(1-3)-beta-D-glucopyranose-(1-3)-beta-D-glucopyranose-(1-3)-beta-D-glucopyranose-(1-3)-alpha-D-glucopyranose
3 branched alpha-D-mannopyranose-(1-2)-alpha-D-mannopyranose-(1-6)-[alpha-D-mannopyranose-(1-3)]alpha-D-mannopyranose-(1-6)-beta-D-mannopyranose-(1-4)-2-acetamido-2-deoxy-beta-D-glucopyranose-(1-4)-2-acetamido-2-deoxy-beta-D-glucopyranose
4 water water
#
_entity_poly.entity_id   1
_entity_poly.type   'polypeptide(L)'
_entity_poly.pdbx_seq_one_letter_code
;ATYHLEDNWVGSAFLSTFTHEAIADPTHGRVNYVDQATALAKNLTYASGDTLILRADHTTTLSPSGPGRNSVRIRSIKTY
TTHVAVFDVRHMPQGCGTWPAAWETDEGDWPNGGSVDIIEGVNDQSPNAMTLHTGANCAMPASRTMTGHATNNNCDVNTD
GNTGCGVQAPTANSYGPSFNANGGGWYAMERTNSFIKVWFFPRNAGNVPNDIASGPATINTDNWGTPTAFFPNTNCDIGS
HFDANNIIINLTFCGDWAGQASIFNGAGCPGSCVDYVNNNPSAFANAYWDIASVRVYQ
;
_entity_poly.pdbx_strand_id   A
#
# COMPACT_ATOMS: atom_id res chain seq x y z
N ALA A 1 16.98 -3.59 17.67
CA ALA A 1 16.52 -3.59 16.27
C ALA A 1 16.63 -4.97 15.64
N THR A 2 16.82 -5.98 16.47
CA THR A 2 16.85 -7.36 15.99
C THR A 2 15.49 -8.02 16.14
N TYR A 3 15.00 -8.66 15.07
CA TYR A 3 13.69 -9.31 15.07
C TYR A 3 13.82 -10.71 14.48
N HIS A 4 12.80 -11.53 14.74
CA HIS A 4 12.80 -12.90 14.26
C HIS A 4 11.49 -13.22 13.51
N LEU A 5 11.58 -14.12 12.54
CA LEU A 5 10.46 -14.44 11.66
C LEU A 5 9.22 -14.93 12.40
N GLU A 6 8.10 -14.28 12.08
CA GLU A 6 6.80 -14.54 12.66
C GLU A 6 5.82 -15.14 11.63
N ASP A 7 5.82 -14.59 10.42
CA ASP A 7 4.97 -15.08 9.33
C ASP A 7 5.73 -14.96 8.02
N ASN A 8 5.64 -15.99 7.20
CA ASN A 8 6.26 -16.04 5.88
C ASN A 8 5.17 -16.40 4.88
N TRP A 9 4.71 -15.41 4.11
CA TRP A 9 3.62 -15.65 3.14
C TRP A 9 4.08 -15.65 1.70
N VAL A 10 3.87 -16.78 1.04
CA VAL A 10 4.28 -17.00 -0.37
C VAL A 10 3.15 -17.76 -1.12
N GLY A 11 2.81 -17.29 -2.32
CA GLY A 11 1.85 -17.99 -3.18
C GLY A 11 0.52 -18.35 -2.53
N SER A 12 0.21 -19.64 -2.51
CA SER A 12 -1.09 -20.12 -1.99
C SER A 12 -1.30 -19.90 -0.49
N ALA A 13 -0.22 -19.72 0.27
CA ALA A 13 -0.32 -19.35 1.70
C ALA A 13 -1.26 -18.18 1.96
N PHE A 14 -1.27 -17.18 1.06
CA PHE A 14 -2.15 -16.01 1.22
C PHE A 14 -3.65 -16.36 1.30
N LEU A 15 -4.04 -17.48 0.71
CA LEU A 15 -5.45 -17.90 0.68
C LEU A 15 -5.99 -18.36 2.04
N SER A 16 -5.07 -18.80 2.91
CA SER A 16 -5.47 -19.22 4.24
C SER A 16 -5.07 -18.25 5.36
N THR A 17 -4.20 -17.28 5.07
CA THR A 17 -3.72 -16.36 6.13
C THR A 17 -4.29 -14.94 6.00
N PHE A 18 -4.89 -14.64 4.83
CA PHE A 18 -5.61 -13.38 4.56
C PHE A 18 -7.03 -13.74 4.17
N THR A 19 -7.95 -12.80 4.33
CA THR A 19 -9.27 -12.91 3.75
C THR A 19 -9.43 -11.82 2.66
N HIS A 20 -10.39 -12.01 1.74
CA HIS A 20 -10.84 -10.95 0.85
C HIS A 20 -11.99 -10.20 1.50
N GLU A 21 -11.95 -8.87 1.47
CA GLU A 21 -13.05 -8.07 2.03
C GLU A 21 -13.96 -7.68 0.88
N ALA A 22 -15.15 -8.24 0.85
CA ALA A 22 -16.15 -7.85 -0.16
C ALA A 22 -16.96 -6.77 0.49
N ILE A 23 -16.43 -5.56 0.46
CA ILE A 23 -17.03 -4.46 1.22
C ILE A 23 -17.26 -3.29 0.30
N ALA A 24 -18.25 -2.46 0.65
CA ALA A 24 -18.40 -1.15 0.04
C ALA A 24 -17.06 -0.42 0.21
N ASP A 25 -16.52 0.20 -0.86
CA ASP A 25 -15.23 0.89 -0.73
C ASP A 25 -15.33 2.07 0.25
N PRO A 26 -14.58 2.01 1.38
CA PRO A 26 -14.62 3.11 2.35
C PRO A 26 -14.15 4.46 1.75
N THR A 27 -13.36 4.42 0.68
CA THR A 27 -12.93 5.62 0.00
C THR A 27 -13.75 5.94 -1.25
N HIS A 28 -14.93 5.31 -1.35
CA HIS A 28 -15.95 5.69 -2.36
C HIS A 28 -15.53 5.62 -3.83
N GLY A 29 -14.67 4.65 -4.16
CA GLY A 29 -14.19 4.46 -5.52
C GLY A 29 -15.13 3.74 -6.48
N ARG A 30 -14.75 3.75 -7.75
CA ARG A 30 -15.49 3.06 -8.81
C ARG A 30 -15.04 1.59 -8.88
N VAL A 31 -15.38 0.84 -7.85
CA VAL A 31 -14.81 -0.46 -7.60
C VAL A 31 -15.90 -1.33 -7.03
N ASN A 32 -15.83 -2.61 -7.39
CA ASN A 32 -16.60 -3.66 -6.78
C ASN A 32 -15.62 -4.66 -6.19
N TYR A 33 -15.45 -4.59 -4.87
CA TYR A 33 -14.60 -5.52 -4.14
C TYR A 33 -15.30 -6.89 -3.97
N VAL A 34 -14.72 -7.94 -4.55
CA VAL A 34 -15.38 -9.26 -4.56
C VAL A 34 -14.81 -10.12 -3.44
N ASP A 35 -15.58 -11.15 -3.03
CA ASP A 35 -15.09 -12.12 -2.04
C ASP A 35 -14.04 -13.06 -2.62
N GLN A 36 -13.42 -13.86 -1.77
CA GLN A 36 -12.34 -14.72 -2.20
C GLN A 36 -12.76 -15.81 -3.21
N ALA A 37 -13.94 -16.40 -3.01
CA ALA A 37 -14.48 -17.40 -3.94
C ALA A 37 -14.62 -16.78 -5.33
N THR A 38 -15.22 -15.61 -5.36
CA THR A 38 -15.43 -14.89 -6.61
C THR A 38 -14.11 -14.46 -7.23
N ALA A 39 -13.19 -13.97 -6.40
CA ALA A 39 -11.89 -13.52 -6.88
C ALA A 39 -11.15 -14.63 -7.64
N LEU A 40 -11.16 -15.82 -7.05
CA LEU A 40 -10.49 -17.02 -7.57
C LEU A 40 -11.12 -17.59 -8.85
N ALA A 41 -12.45 -17.68 -8.89
CA ALA A 41 -13.17 -18.16 -10.09
C ALA A 41 -12.93 -17.26 -11.28
N LYS A 42 -12.92 -15.96 -11.02
CA LYS A 42 -12.74 -14.95 -12.05
C LYS A 42 -11.26 -14.60 -12.33
N ASN A 43 -10.35 -15.25 -11.61
CA ASN A 43 -8.90 -15.04 -11.72
C ASN A 43 -8.46 -13.59 -11.45
N LEU A 44 -9.16 -12.91 -10.53
CA LEU A 44 -8.75 -11.59 -10.01
C LEU A 44 -7.70 -11.77 -8.90
N THR A 45 -7.71 -12.95 -8.29
CA THR A 45 -6.67 -13.40 -7.39
C THR A 45 -6.15 -14.71 -7.96
N TYR A 46 -4.83 -14.82 -8.03
CA TYR A 46 -4.12 -16.00 -8.46
C TYR A 46 -2.95 -16.20 -7.49
N ALA A 47 -2.89 -17.38 -6.86
CA ALA A 47 -2.01 -17.61 -5.72
C ALA A 47 -1.48 -19.02 -5.79
N SER A 48 -0.29 -19.14 -6.35
CA SER A 48 0.28 -20.42 -6.74
C SER A 48 1.80 -20.32 -6.94
N GLY A 49 2.55 -21.32 -6.48
CA GLY A 49 4.01 -21.33 -6.60
C GLY A 49 4.62 -20.22 -5.75
N ASP A 50 5.51 -19.41 -6.31
CA ASP A 50 6.06 -18.25 -5.60
C ASP A 50 5.46 -16.91 -6.05
N THR A 51 4.19 -16.94 -6.38
CA THR A 51 3.49 -15.78 -6.93
C THR A 51 2.09 -15.58 -6.30
N LEU A 52 1.85 -14.34 -5.91
CA LEU A 52 0.50 -13.84 -5.66
C LEU A 52 0.17 -12.73 -6.67
N ILE A 53 -0.90 -12.92 -7.45
CA ILE A 53 -1.44 -11.90 -8.33
C ILE A 53 -2.77 -11.36 -7.77
N LEU A 54 -2.88 -10.05 -7.66
CA LEU A 54 -4.11 -9.36 -7.26
C LEU A 54 -4.33 -8.32 -8.34
N ARG A 55 -5.45 -8.44 -9.06
N ARG A 55 -5.45 -8.45 -9.07
CA ARG A 55 -5.69 -7.56 -10.21
CA ARG A 55 -5.70 -7.65 -10.28
C ARG A 55 -7.13 -7.09 -10.31
C ARG A 55 -7.15 -7.16 -10.39
N ALA A 56 -7.34 -6.12 -11.21
CA ALA A 56 -8.67 -5.62 -11.56
C ALA A 56 -9.16 -6.36 -12.80
N ASP A 57 -10.48 -6.37 -12.98
CA ASP A 57 -11.12 -6.71 -14.26
C ASP A 57 -10.59 -5.84 -15.41
N HIS A 58 -10.10 -6.48 -16.46
CA HIS A 58 -9.60 -5.77 -17.63
C HIS A 58 -10.30 -6.20 -18.93
N THR A 59 -11.52 -6.72 -18.81
CA THR A 59 -12.32 -7.17 -19.99
C THR A 59 -13.73 -6.55 -20.02
N THR A 60 -14.32 -6.37 -18.85
CA THR A 60 -15.69 -5.84 -18.73
C THR A 60 -15.77 -4.33 -18.94
N THR A 61 -16.66 -3.95 -19.85
CA THR A 61 -17.13 -2.57 -19.99
C THR A 61 -18.26 -2.38 -18.97
N LEU A 62 -18.15 -1.39 -18.09
CA LEU A 62 -19.09 -1.33 -16.96
C LEU A 62 -20.43 -0.73 -17.37
N SER A 63 -21.51 -1.22 -16.76
CA SER A 63 -22.77 -0.53 -16.88
C SER A 63 -22.68 0.74 -16.02
N PRO A 64 -22.94 1.92 -16.63
CA PRO A 64 -22.81 3.16 -15.85
C PRO A 64 -23.71 3.17 -14.61
N SER A 65 -24.86 2.50 -14.67
CA SER A 65 -25.73 2.38 -13.48
C SER A 65 -25.49 1.13 -12.61
N GLY A 66 -24.52 0.30 -13.01
CA GLY A 66 -24.16 -0.86 -12.20
C GLY A 66 -22.95 -0.64 -11.29
N PRO A 67 -22.49 -1.71 -10.62
CA PRO A 67 -21.36 -1.63 -9.70
C PRO A 67 -20.03 -1.24 -10.39
N GLY A 68 -19.03 -0.89 -9.60
CA GLY A 68 -17.72 -0.48 -10.13
C GLY A 68 -16.89 -1.62 -10.70
N ARG A 69 -15.64 -1.32 -11.03
CA ARG A 69 -14.77 -2.31 -11.66
C ARG A 69 -14.31 -3.37 -10.64
N ASN A 70 -14.49 -4.65 -10.99
CA ASN A 70 -14.14 -5.75 -10.08
C ASN A 70 -12.68 -5.67 -9.68
N SER A 71 -12.43 -5.74 -8.37
CA SER A 71 -11.08 -5.70 -7.84
C SER A 71 -11.08 -6.41 -6.48
N VAL A 72 -9.93 -6.43 -5.82
CA VAL A 72 -9.78 -7.17 -4.58
C VAL A 72 -9.08 -6.33 -3.50
N ARG A 73 -9.43 -6.64 -2.26
CA ARG A 73 -8.81 -6.03 -1.10
C ARG A 73 -8.60 -7.15 -0.12
N ILE A 74 -7.34 -7.49 0.15
CA ILE A 74 -7.06 -8.61 1.07
C ILE A 74 -6.56 -8.08 2.40
N ARG A 75 -6.90 -8.78 3.47
CA ARG A 75 -6.56 -8.35 4.83
C ARG A 75 -5.97 -9.51 5.61
N SER A 76 -4.84 -9.31 6.28
CA SER A 76 -4.28 -10.40 7.07
C SER A 76 -5.23 -10.78 8.22
N ILE A 77 -5.34 -12.08 8.50
CA ILE A 77 -6.12 -12.52 9.66
C ILE A 77 -5.48 -12.03 10.99
N LYS A 78 -4.15 -12.12 11.07
CA LYS A 78 -3.39 -11.67 12.24
C LYS A 78 -3.16 -10.14 12.29
N THR A 79 -3.03 -9.61 13.51
CA THR A 79 -2.71 -8.21 13.75
C THR A 79 -1.33 -8.13 14.43
N TYR A 80 -0.71 -6.96 14.32
CA TYR A 80 0.67 -6.75 14.75
C TYR A 80 0.78 -5.40 15.44
N THR A 81 1.65 -5.33 16.43
CA THR A 81 1.99 -4.06 17.09
C THR A 81 3.43 -3.73 16.74
N THR A 82 4.37 -4.14 17.58
CA THR A 82 5.79 -3.91 17.31
C THR A 82 6.27 -5.03 16.39
N HIS A 83 6.69 -4.65 15.18
CA HIS A 83 7.01 -5.63 14.16
C HIS A 83 7.73 -4.98 12.98
N VAL A 84 8.27 -5.82 12.10
CA VAL A 84 8.76 -5.39 10.81
C VAL A 84 7.97 -6.15 9.75
N ALA A 85 7.47 -5.46 8.71
CA ALA A 85 6.85 -6.14 7.57
C ALA A 85 7.65 -5.87 6.29
N VAL A 86 8.02 -6.94 5.60
CA VAL A 86 8.81 -6.87 4.36
C VAL A 86 7.98 -7.35 3.16
N PHE A 87 7.87 -6.50 2.12
CA PHE A 87 7.09 -6.81 0.94
C PHE A 87 8.02 -6.89 -0.24
N ASP A 88 8.11 -8.06 -0.84
CA ASP A 88 8.90 -8.25 -2.07
C ASP A 88 7.92 -8.17 -3.23
N VAL A 89 7.97 -7.07 -3.95
CA VAL A 89 6.91 -6.75 -4.89
C VAL A 89 7.49 -6.62 -6.30
N ARG A 90 7.02 -7.47 -7.22
CA ARG A 90 7.54 -7.46 -8.59
C ARG A 90 6.84 -6.43 -9.46
N HIS A 91 5.55 -6.22 -9.19
CA HIS A 91 4.71 -5.35 -10.03
C HIS A 91 3.61 -4.76 -9.15
N MET A 92 3.26 -3.49 -9.37
CA MET A 92 2.09 -2.93 -8.70
C MET A 92 1.09 -2.42 -9.76
N PRO A 93 -0.19 -2.25 -9.40
CA PRO A 93 -1.14 -1.73 -10.39
C PRO A 93 -0.78 -0.38 -11.03
N GLN A 94 -0.97 -0.29 -12.34
CA GLN A 94 -0.82 0.95 -13.05
C GLN A 94 -2.05 1.16 -13.93
N GLY A 95 -2.27 2.42 -14.31
CA GLY A 95 -3.42 2.83 -15.13
C GLY A 95 -4.03 4.10 -14.58
N CYS A 96 -4.56 4.93 -15.48
CA CYS A 96 -5.26 6.14 -15.07
C CYS A 96 -6.42 5.66 -14.24
N GLY A 97 -6.65 6.33 -13.11
CA GLY A 97 -7.76 5.96 -12.25
C GLY A 97 -7.38 5.00 -11.13
N THR A 98 -6.24 4.29 -11.28
CA THR A 98 -5.84 3.30 -10.26
C THR A 98 -5.39 3.94 -8.95
N TRP A 99 -5.77 3.28 -7.85
CA TRP A 99 -5.38 3.72 -6.52
C TRP A 99 -5.05 2.48 -5.69
N PRO A 100 -3.81 1.95 -5.85
CA PRO A 100 -3.38 0.77 -5.10
C PRO A 100 -2.74 1.15 -3.77
N ALA A 101 -2.81 0.25 -2.79
CA ALA A 101 -2.10 0.46 -1.53
C ALA A 101 -1.69 -0.85 -0.90
N ALA A 102 -0.53 -0.83 -0.22
CA ALA A 102 -0.11 -1.82 0.78
C ALA A 102 0.05 -1.02 2.08
N TRP A 103 -0.71 -1.42 3.09
CA TRP A 103 -0.87 -0.61 4.29
C TRP A 103 -1.27 -1.41 5.54
N GLU A 104 -1.31 -0.74 6.69
CA GLU A 104 -1.73 -1.37 7.94
C GLU A 104 -2.75 -0.48 8.62
N THR A 105 -3.75 -1.09 9.27
CA THR A 105 -4.78 -0.35 9.99
C THR A 105 -5.54 -1.29 10.93
N ASP A 106 -6.35 -0.71 11.83
CA ASP A 106 -7.38 -1.43 12.54
C ASP A 106 -8.69 -0.81 12.05
N GLU A 107 -9.41 -1.51 11.17
CA GLU A 107 -10.61 -0.94 10.54
C GLU A 107 -11.69 -0.65 11.57
N GLY A 108 -11.70 -1.45 12.64
CA GLY A 108 -12.77 -1.41 13.64
C GLY A 108 -12.86 -0.15 14.48
N ASP A 109 -11.79 0.65 14.53
CA ASP A 109 -11.84 1.92 15.27
C ASP A 109 -11.13 3.08 14.56
N TRP A 110 -10.97 2.95 13.25
CA TRP A 110 -10.34 3.98 12.40
C TRP A 110 -11.00 5.35 12.70
N PRO A 111 -10.18 6.42 12.85
CA PRO A 111 -8.71 6.50 12.75
C PRO A 111 -7.90 6.27 14.05
N ASN A 112 -8.55 5.84 15.12
CA ASN A 112 -7.92 5.84 16.46
C ASN A 112 -6.93 4.70 16.72
N GLY A 113 -7.06 3.64 15.95
CA GLY A 113 -6.06 2.57 15.95
C GLY A 113 -4.97 2.81 14.90
N GLY A 114 -5.03 3.99 14.26
CA GLY A 114 -4.04 4.45 13.30
C GLY A 114 -4.06 3.74 11.95
N SER A 115 -3.42 4.34 10.96
CA SER A 115 -3.15 3.66 9.72
C SER A 115 -1.79 4.14 9.17
N VAL A 116 -0.99 3.21 8.65
CA VAL A 116 0.27 3.52 8.02
C VAL A 116 0.27 2.96 6.60
N ASP A 117 0.48 3.85 5.62
N ASP A 117 0.51 3.84 5.62
CA ASP A 117 0.60 3.46 4.22
CA ASP A 117 0.60 3.42 4.23
C ASP A 117 2.08 3.29 3.87
C ASP A 117 2.05 3.32 3.80
N ILE A 118 2.40 2.11 3.32
CA ILE A 118 3.76 1.74 2.97
C ILE A 118 3.96 1.97 1.46
N ILE A 119 2.97 1.55 0.68
CA ILE A 119 2.91 1.79 -0.73
C ILE A 119 1.53 2.42 -1.01
N GLU A 120 1.55 3.57 -1.67
CA GLU A 120 0.30 4.21 -2.07
C GLU A 120 0.58 5.31 -3.08
N GLY A 121 -0.34 5.43 -4.02
CA GLY A 121 -0.39 6.59 -4.92
C GLY A 121 -1.64 6.54 -5.75
N VAL A 122 -1.74 7.43 -6.72
CA VAL A 122 -2.91 7.52 -7.59
C VAL A 122 -2.48 7.83 -9.03
N ASN A 123 -3.22 7.28 -10.01
CA ASN A 123 -3.13 7.76 -11.39
C ASN A 123 -1.70 7.77 -11.94
N ASP A 124 -0.92 6.74 -11.56
CA ASP A 124 0.44 6.54 -12.04
C ASP A 124 1.43 7.63 -11.66
N GLN A 125 1.05 8.46 -10.70
CA GLN A 125 1.93 9.57 -10.32
C GLN A 125 3.01 9.17 -9.29
N SER A 126 4.22 8.91 -9.76
CA SER A 126 5.38 8.76 -8.88
C SER A 126 5.74 10.11 -8.28
N PRO A 127 6.45 10.10 -7.14
CA PRO A 127 6.91 8.90 -6.42
C PRO A 127 5.90 8.32 -5.41
N ASN A 128 6.30 7.26 -4.73
CA ASN A 128 5.53 6.68 -3.65
C ASN A 128 5.34 7.66 -2.49
N ALA A 129 4.17 7.58 -1.86
CA ALA A 129 3.87 8.27 -0.60
C ALA A 129 3.72 7.25 0.55
N MET A 130 4.39 7.57 1.66
CA MET A 130 4.30 6.86 2.94
C MET A 130 3.67 7.82 3.96
N THR A 131 2.51 7.43 4.51
CA THR A 131 1.62 8.34 5.25
C THR A 131 1.01 7.67 6.47
N LEU A 132 0.96 8.42 7.57
CA LEU A 132 0.21 8.00 8.76
C LEU A 132 -1.07 8.81 8.84
N HIS A 133 -2.16 8.15 9.25
CA HIS A 133 -3.39 8.83 9.63
C HIS A 133 -3.69 8.47 11.07
N THR A 134 -3.91 9.50 11.90
CA THR A 134 -4.24 9.29 13.31
C THR A 134 -5.44 10.17 13.79
N GLY A 135 -5.90 9.96 15.03
CA GLY A 135 -6.68 10.99 15.76
C GLY A 135 -5.78 12.14 16.24
N ALA A 136 -6.31 12.95 17.17
CA ALA A 136 -5.74 14.25 17.58
C ALA A 136 -4.38 14.13 18.25
N ASN A 137 -3.60 15.21 18.18
CA ASN A 137 -2.33 15.30 18.89
C ASN A 137 -1.24 14.35 18.37
N CYS A 138 -1.05 14.37 17.05
CA CYS A 138 0.04 13.64 16.42
C CYS A 138 0.58 14.42 15.23
N ALA A 139 1.79 14.94 15.38
CA ALA A 139 2.42 15.64 14.28
C ALA A 139 3.88 15.21 14.16
N MET A 140 4.52 15.65 13.07
CA MET A 140 5.90 15.29 12.76
C MET A 140 6.77 16.52 12.71
N PRO A 141 8.02 16.43 13.21
CA PRO A 141 8.93 17.57 13.13
C PRO A 141 9.24 17.92 11.68
N ALA A 142 9.58 19.19 11.42
CA ALA A 142 9.74 19.67 10.04
C ALA A 142 10.92 19.00 9.37
N SER A 143 11.91 18.65 10.19
CA SER A 143 13.13 18.04 9.74
C SER A 143 13.46 16.84 10.59
N ARG A 144 13.69 15.70 9.96
CA ARG A 144 14.21 14.53 10.66
C ARG A 144 14.91 13.62 9.66
N THR A 145 15.71 12.69 10.16
CA THR A 145 16.60 11.90 9.30
C THR A 145 15.88 10.82 8.44
N MET A 146 15.84 11.07 7.14
CA MET A 146 15.25 10.19 6.15
C MET A 146 15.71 10.63 4.75
N THR A 147 15.60 9.75 3.78
CA THR A 147 16.01 10.08 2.42
C THR A 147 14.85 10.75 1.68
N GLY A 148 13.61 10.46 2.09
CA GLY A 148 12.41 11.06 1.49
C GLY A 148 12.16 12.52 1.87
N HIS A 149 11.10 13.09 1.32
CA HIS A 149 10.72 14.46 1.56
C HIS A 149 9.30 14.56 2.15
N ALA A 150 9.18 15.13 3.34
CA ALA A 150 7.89 15.32 4.01
C ALA A 150 7.03 16.35 3.29
N THR A 151 5.74 16.08 3.20
CA THR A 151 4.79 17.03 2.63
C THR A 151 3.95 17.58 3.78
N ASN A 152 2.88 16.89 4.16
CA ASN A 152 2.05 17.29 5.28
C ASN A 152 2.60 16.71 6.61
N ASN A 153 2.68 17.51 7.67
CA ASN A 153 3.30 17.05 8.92
C ASN A 153 2.35 16.87 10.11
N ASN A 154 1.06 17.14 9.87
CA ASN A 154 0.02 16.83 10.83
C ASN A 154 -0.72 15.55 10.44
N CYS A 155 -0.60 14.52 11.27
CA CYS A 155 -1.16 13.20 11.04
C CYS A 155 -2.66 13.09 11.34
N ASP A 156 -3.17 14.05 12.13
CA ASP A 156 -4.54 14.03 12.62
C ASP A 156 -5.53 14.25 11.49
N VAL A 157 -6.35 13.23 11.23
CA VAL A 157 -7.30 13.27 10.10
C VAL A 157 -8.34 14.39 10.22
N ASN A 158 -8.65 14.79 11.45
CA ASN A 158 -9.68 15.79 11.74
C ASN A 158 -9.22 17.23 11.55
N THR A 159 -7.91 17.45 11.50
CA THR A 159 -7.39 18.81 11.32
C THR A 159 -6.43 18.91 10.14
N ASP A 160 -6.36 17.87 9.32
CA ASP A 160 -5.43 17.90 8.20
C ASP A 160 -6.11 17.70 6.84
N GLY A 161 -7.44 17.74 6.81
CA GLY A 161 -8.18 17.57 5.55
C GLY A 161 -8.01 16.16 5.02
N ASN A 162 -7.73 15.24 5.96
CA ASN A 162 -7.54 13.81 5.68
C ASN A 162 -6.32 13.49 4.80
N THR A 163 -5.39 14.43 4.68
CA THR A 163 -4.13 14.10 3.99
C THR A 163 -3.23 13.14 4.80
N GLY A 164 -3.37 13.14 6.13
CA GLY A 164 -2.40 12.47 7.00
C GLY A 164 -1.06 13.19 7.01
N CYS A 165 -0.07 12.65 7.73
CA CYS A 165 1.31 13.15 7.63
C CYS A 165 2.13 12.22 6.71
N GLY A 166 2.65 12.78 5.63
CA GLY A 166 3.22 11.97 4.59
C GLY A 166 4.64 12.32 4.25
N VAL A 167 5.30 11.36 3.59
CA VAL A 167 6.65 11.52 3.03
C VAL A 167 6.65 10.98 1.59
N GLN A 168 7.28 11.74 0.71
CA GLN A 168 7.49 11.34 -0.68
C GLN A 168 8.84 10.61 -0.83
N ALA A 169 8.81 9.43 -1.45
CA ALA A 169 10.07 8.70 -1.74
C ALA A 169 10.94 9.50 -2.71
N PRO A 170 12.28 9.47 -2.54
CA PRO A 170 13.14 10.26 -3.42
C PRO A 170 13.25 9.85 -4.90
N THR A 171 12.91 8.62 -5.27
CA THR A 171 13.10 8.18 -6.68
C THR A 171 11.78 7.83 -7.34
N ALA A 172 11.71 8.02 -8.65
CA ALA A 172 10.52 7.70 -9.42
C ALA A 172 10.23 6.19 -9.42
N ASN A 173 11.27 5.35 -9.40
CA ASN A 173 11.13 3.90 -9.45
C ASN A 173 10.57 3.31 -8.14
N SER A 174 10.25 4.18 -7.18
CA SER A 174 9.51 3.82 -5.99
C SER A 174 8.04 3.48 -6.27
N TYR A 175 7.54 3.90 -7.43
CA TYR A 175 6.11 3.85 -7.73
C TYR A 175 5.81 3.74 -9.23
N GLY A 176 4.70 3.03 -9.54
CA GLY A 176 3.98 3.22 -10.80
C GLY A 176 4.64 2.52 -11.97
N PRO A 177 4.37 3.01 -13.22
CA PRO A 177 5.04 2.53 -14.43
C PRO A 177 6.56 2.47 -14.28
N SER A 178 7.14 3.42 -13.54
CA SER A 178 8.59 3.43 -13.31
C SER A 178 9.09 2.25 -12.45
N PHE A 179 8.41 2.03 -11.33
CA PHE A 179 8.62 0.86 -10.47
C PHE A 179 8.46 -0.39 -11.34
N ASN A 180 7.38 -0.47 -12.11
CA ASN A 180 7.09 -1.65 -12.89
C ASN A 180 8.13 -1.95 -13.95
N ALA A 181 8.61 -0.90 -14.62
CA ALA A 181 9.67 -1.00 -15.61
C ALA A 181 10.97 -1.61 -15.02
N ASN A 182 11.23 -1.25 -13.76
CA ASN A 182 12.43 -1.69 -13.05
C ASN A 182 12.31 -3.06 -12.36
N GLY A 183 11.17 -3.74 -12.49
CA GLY A 183 10.93 -5.04 -11.85
C GLY A 183 10.49 -4.92 -10.38
N GLY A 184 10.10 -3.74 -9.94
CA GLY A 184 9.68 -3.57 -8.55
C GLY A 184 10.84 -3.33 -7.60
N GLY A 185 10.80 -4.01 -6.46
CA GLY A 185 11.77 -3.84 -5.40
C GLY A 185 11.16 -4.24 -4.09
N TRP A 186 11.79 -3.80 -3.02
CA TRP A 186 11.37 -4.21 -1.71
C TRP A 186 10.93 -3.03 -0.86
N TYR A 187 9.81 -3.18 -0.15
CA TYR A 187 9.41 -2.27 0.92
C TYR A 187 9.48 -2.93 2.30
N ALA A 188 10.06 -2.25 3.27
CA ALA A 188 10.12 -2.78 4.62
C ALA A 188 9.67 -1.67 5.55
N MET A 189 8.84 -2.02 6.52
CA MET A 189 8.32 -1.08 7.50
C MET A 189 8.61 -1.64 8.88
N GLU A 190 9.25 -0.82 9.72
CA GLU A 190 9.48 -1.17 11.12
C GLU A 190 8.65 -0.25 11.97
N ARG A 191 7.84 -0.86 12.83
CA ARG A 191 7.01 -0.14 13.79
C ARG A 191 7.39 -0.51 15.23
N THR A 192 7.66 0.51 16.05
CA THR A 192 7.91 0.34 17.48
C THR A 192 7.02 1.33 18.22
N ASN A 193 7.09 1.32 19.57
CA ASN A 193 6.38 2.33 20.35
C ASN A 193 6.94 3.73 20.08
N SER A 194 8.19 3.80 19.59
CA SER A 194 8.92 5.08 19.43
C SER A 194 8.88 5.72 18.05
N PHE A 195 8.61 4.93 17.02
CA PHE A 195 8.67 5.43 15.65
C PHE A 195 8.06 4.44 14.67
N ILE A 196 7.80 4.95 13.47
CA ILE A 196 7.59 4.11 12.30
C ILE A 196 8.60 4.54 11.22
N LYS A 197 9.22 3.54 10.59
CA LYS A 197 10.17 3.76 9.50
C LYS A 197 9.78 2.90 8.32
N VAL A 198 9.94 3.47 7.12
CA VAL A 198 9.82 2.72 5.88
C VAL A 198 11.09 2.82 5.04
N TRP A 199 11.53 1.69 4.51
CA TRP A 199 12.66 1.65 3.58
C TRP A 199 12.18 1.14 2.23
N PHE A 200 12.60 1.82 1.15
CA PHE A 200 12.45 1.25 -0.19
C PHE A 200 13.80 0.89 -0.79
N PHE A 201 13.89 -0.32 -1.37
CA PHE A 201 15.04 -0.74 -2.18
C PHE A 201 14.59 -1.18 -3.57
N PRO A 202 15.03 -0.46 -4.63
CA PRO A 202 14.64 -0.83 -6.00
C PRO A 202 15.22 -2.20 -6.33
N ARG A 203 14.58 -2.90 -7.26
CA ARG A 203 14.92 -4.27 -7.62
C ARG A 203 16.41 -4.41 -7.97
N ASN A 204 16.94 -3.39 -8.64
CA ASN A 204 18.29 -3.44 -9.12
C ASN A 204 19.34 -2.83 -8.16
N ALA A 205 18.92 -2.44 -6.96
CA ALA A 205 19.83 -1.78 -5.98
C ALA A 205 21.05 -2.64 -5.61
N GLY A 206 22.22 -2.04 -5.67
CA GLY A 206 23.45 -2.73 -5.27
C GLY A 206 23.62 -2.83 -3.76
N ASN A 207 22.77 -2.12 -3.03
CA ASN A 207 22.91 -1.98 -1.58
C ASN A 207 21.71 -2.54 -0.79
N VAL A 208 20.91 -3.40 -1.40
CA VAL A 208 19.78 -3.99 -0.66
C VAL A 208 20.27 -4.97 0.43
N PRO A 209 19.90 -4.71 1.71
CA PRO A 209 20.29 -5.59 2.82
C PRO A 209 19.87 -7.03 2.52
N ASN A 210 20.78 -7.98 2.74
CA ASN A 210 20.45 -9.38 2.52
C ASN A 210 19.23 -9.80 3.35
N ASP A 211 19.15 -9.17 4.52
CA ASP A 211 18.01 -9.26 5.43
C ASP A 211 16.69 -9.15 4.71
N ILE A 212 16.65 -8.20 3.79
CA ILE A 212 15.46 -7.82 3.08
C ILE A 212 15.31 -8.71 1.84
N ALA A 213 16.38 -8.80 1.05
CA ALA A 213 16.40 -9.53 -0.22
C ALA A 213 16.19 -11.04 -0.05
N SER A 214 16.85 -11.65 0.92
CA SER A 214 16.78 -13.11 1.09
C SER A 214 15.82 -13.67 2.13
N GLY A 215 15.25 -12.82 2.97
CA GLY A 215 14.29 -13.29 3.97
C GLY A 215 14.73 -14.42 4.90
N PRO A 216 15.87 -14.24 5.60
CA PRO A 216 16.24 -15.26 6.59
C PRO A 216 15.37 -15.09 7.84
N ALA A 217 15.61 -15.89 8.86
CA ALA A 217 14.74 -15.88 10.04
C ALA A 217 15.10 -14.80 11.08
N THR A 218 16.28 -14.22 10.95
CA THR A 218 16.72 -13.13 11.83
C THR A 218 17.07 -11.89 10.99
N ILE A 219 16.56 -10.75 11.40
CA ILE A 219 16.89 -9.49 10.74
C ILE A 219 17.37 -8.49 11.77
N ASN A 220 18.12 -7.50 11.30
CA ASN A 220 18.60 -6.43 12.15
C ASN A 220 18.53 -5.09 11.43
N THR A 221 17.54 -4.25 11.79
CA THR A 221 17.29 -3.01 11.06
C THR A 221 18.39 -1.97 11.23
N ASP A 222 19.25 -2.16 12.24
CA ASP A 222 20.39 -1.26 12.46
C ASP A 222 21.31 -1.22 11.25
N ASN A 223 21.30 -2.30 10.48
CA ASN A 223 22.20 -2.41 9.34
C ASN A 223 21.60 -1.91 8.02
N TRP A 224 20.43 -1.26 8.06
CA TRP A 224 19.62 -1.04 6.85
C TRP A 224 19.83 0.33 6.20
N GLY A 225 20.70 1.14 6.79
CA GLY A 225 20.88 2.52 6.37
C GLY A 225 19.71 3.41 6.78
N THR A 226 19.72 4.63 6.27
CA THR A 226 18.74 5.65 6.62
C THR A 226 17.37 5.25 6.01
N PRO A 227 16.28 5.37 6.78
CA PRO A 227 14.97 5.07 6.19
C PRO A 227 14.55 6.03 5.08
N THR A 228 13.70 5.56 4.17
CA THR A 228 13.07 6.43 3.18
C THR A 228 12.11 7.43 3.86
N ALA A 229 11.27 6.91 4.75
CA ALA A 229 10.36 7.73 5.56
C ALA A 229 10.57 7.44 7.06
N PHE A 230 10.54 8.51 7.85
CA PHE A 230 10.79 8.45 9.29
C PHE A 230 9.67 9.22 9.97
N PHE A 231 8.98 8.55 10.89
CA PHE A 231 7.93 9.17 11.72
C PHE A 231 8.33 9.00 13.17
N PRO A 232 9.17 9.93 13.67
CA PRO A 232 9.61 9.85 15.07
C PRO A 232 8.50 10.23 16.05
N ASN A 233 8.77 10.14 17.34
CA ASN A 233 7.76 10.44 18.35
C ASN A 233 7.96 11.82 19.00
N THR A 234 8.78 12.67 18.37
CA THR A 234 9.06 14.02 18.86
C THR A 234 7.80 14.79 19.19
N ASN A 235 6.79 14.67 18.33
CA ASN A 235 5.52 15.40 18.48
C ASN A 235 4.30 14.49 18.35
N CYS A 236 4.51 13.21 18.63
CA CYS A 236 3.48 12.17 18.50
C CYS A 236 3.85 10.97 19.34
N ASP A 237 3.05 10.66 20.32
CA ASP A 237 3.18 9.38 21.00
C ASP A 237 2.71 8.26 20.05
N ILE A 238 3.66 7.62 19.37
CA ILE A 238 3.37 6.63 18.32
C ILE A 238 2.54 5.45 18.86
N GLY A 239 2.98 4.85 19.97
CA GLY A 239 2.28 3.69 20.52
C GLY A 239 0.85 3.94 20.96
N SER A 240 0.56 5.18 21.38
CA SER A 240 -0.79 5.53 21.83
C SER A 240 -1.72 5.93 20.67
N HIS A 241 -1.19 6.07 19.47
CA HIS A 241 -2.03 6.38 18.31
C HIS A 241 -2.25 5.18 17.37
N PHE A 242 -1.59 4.07 17.66
CA PHE A 242 -1.69 2.86 16.83
C PHE A 242 -1.98 1.68 17.72
N ASP A 243 -2.96 0.88 17.36
CA ASP A 243 -3.07 -0.36 18.11
C ASP A 243 -2.63 -1.57 17.26
N ALA A 244 -3.11 -2.76 17.60
CA ALA A 244 -2.80 -3.94 16.78
C ALA A 244 -3.45 -3.81 15.40
N ASN A 245 -2.62 -3.83 14.34
CA ASN A 245 -3.11 -3.62 12.97
C ASN A 245 -2.98 -4.86 12.07
N ASN A 246 -3.95 -5.05 11.19
CA ASN A 246 -3.88 -5.99 10.08
C ASN A 246 -3.09 -5.33 8.94
N ILE A 247 -2.51 -6.16 8.08
CA ILE A 247 -1.92 -5.75 6.82
C ILE A 247 -3.02 -5.82 5.76
N ILE A 248 -3.11 -4.79 4.92
CA ILE A 248 -4.11 -4.78 3.83
C ILE A 248 -3.39 -4.46 2.51
N ILE A 249 -3.75 -5.18 1.44
CA ILE A 249 -3.26 -4.90 0.11
C ILE A 249 -4.49 -4.83 -0.81
N ASN A 250 -4.62 -3.76 -1.57
CA ASN A 250 -5.88 -3.53 -2.31
C ASN A 250 -5.64 -2.75 -3.55
N LEU A 251 -6.68 -2.67 -4.38
CA LEU A 251 -6.67 -1.76 -5.52
C LEU A 251 -8.08 -1.21 -5.65
N THR A 252 -8.20 0.12 -5.52
CA THR A 252 -9.46 0.77 -5.85
C THR A 252 -9.25 1.69 -7.05
N PHE A 253 -10.32 2.34 -7.48
CA PHE A 253 -10.29 3.26 -8.63
C PHE A 253 -11.00 4.53 -8.25
N CYS A 254 -10.56 5.68 -8.78
CA CYS A 254 -11.22 6.98 -8.55
C CYS A 254 -11.47 7.23 -7.05
N GLY A 255 -12.70 7.59 -6.68
CA GLY A 255 -13.03 7.81 -5.30
C GLY A 255 -12.39 9.05 -4.68
N ASP A 256 -12.32 9.09 -3.35
CA ASP A 256 -12.08 10.36 -2.62
C ASP A 256 -10.77 11.08 -2.93
N TRP A 257 -9.73 10.33 -3.30
CA TRP A 257 -8.47 10.92 -3.71
C TRP A 257 -8.27 10.87 -5.24
N ALA A 258 -8.04 9.67 -5.80
CA ALA A 258 -7.76 9.50 -7.24
C ALA A 258 -8.82 10.09 -8.19
N GLY A 259 -10.08 10.14 -7.73
CA GLY A 259 -11.20 10.58 -8.58
C GLY A 259 -11.44 12.08 -8.69
N GLN A 260 -10.81 12.88 -7.84
CA GLN A 260 -10.90 14.35 -7.94
C GLN A 260 -10.43 14.78 -9.31
N ALA A 261 -11.23 15.59 -9.99
CA ALA A 261 -10.89 16.06 -11.34
C ALA A 261 -9.50 16.73 -11.47
N SER A 262 -9.17 17.66 -10.59
CA SER A 262 -7.84 18.30 -10.59
C SER A 262 -6.69 17.29 -10.49
N ILE A 263 -6.88 16.25 -9.67
CA ILE A 263 -5.88 15.20 -9.45
C ILE A 263 -5.82 14.26 -10.65
N PHE A 264 -6.98 13.74 -11.06
CA PHE A 264 -7.08 12.84 -12.20
C PHE A 264 -6.55 13.51 -13.48
N ASN A 265 -7.07 14.70 -13.76
CA ASN A 265 -6.61 15.50 -14.92
C ASN A 265 -5.19 16.04 -14.75
N GLY A 266 -4.84 16.44 -13.54
CA GLY A 266 -3.49 16.92 -13.23
C GLY A 266 -2.40 15.89 -13.47
N ALA A 267 -2.82 14.63 -13.65
CA ALA A 267 -1.94 13.48 -13.85
C ALA A 267 -1.90 13.09 -15.31
N GLY A 268 -2.50 13.91 -16.15
CA GLY A 268 -2.51 13.69 -17.59
C GLY A 268 -3.55 12.68 -18.06
N CYS A 269 -4.46 12.30 -17.15
CA CYS A 269 -5.56 11.41 -17.51
C CYS A 269 -6.74 12.22 -18.09
N PRO A 270 -7.33 11.74 -19.21
CA PRO A 270 -8.41 12.39 -19.93
C PRO A 270 -9.81 12.12 -19.39
N GLY A 271 -10.65 13.14 -19.44
CA GLY A 271 -12.05 13.00 -19.11
C GLY A 271 -12.28 12.90 -17.62
N SER A 272 -13.33 12.18 -17.25
CA SER A 272 -13.63 11.98 -15.86
C SER A 272 -13.12 10.61 -15.48
N CYS A 273 -12.74 10.46 -14.21
CA CYS A 273 -12.26 9.19 -13.72
C CYS A 273 -13.28 8.06 -13.87
N VAL A 274 -14.53 8.29 -13.49
CA VAL A 274 -15.55 7.22 -13.55
C VAL A 274 -15.82 6.72 -15.00
N ASP A 275 -15.97 7.67 -15.92
CA ASP A 275 -16.15 7.34 -17.34
C ASP A 275 -14.95 6.56 -17.92
N TYR A 276 -13.74 7.03 -17.61
CA TYR A 276 -12.52 6.31 -18.00
C TYR A 276 -12.50 4.85 -17.50
N VAL A 277 -12.76 4.67 -16.22
CA VAL A 277 -12.77 3.34 -15.60
C VAL A 277 -13.95 2.47 -16.14
N ASN A 278 -15.09 3.09 -16.43
CA ASN A 278 -16.20 2.35 -17.05
C ASN A 278 -15.81 1.74 -18.40
N ASN A 279 -15.15 2.54 -19.22
CA ASN A 279 -15.14 2.29 -20.67
C ASN A 279 -13.83 1.86 -21.29
N ASN A 280 -12.78 1.75 -20.46
CA ASN A 280 -11.46 1.36 -20.96
C ASN A 280 -10.89 0.11 -20.26
N PRO A 281 -11.61 -1.05 -20.33
CA PRO A 281 -11.08 -2.25 -19.64
C PRO A 281 -9.63 -2.65 -19.98
N SER A 282 -9.26 -2.61 -21.26
N SER A 282 -9.28 -2.60 -21.26
CA SER A 282 -7.91 -3.04 -21.67
CA SER A 282 -7.95 -2.99 -21.74
C SER A 282 -6.82 -2.12 -21.13
C SER A 282 -6.84 -2.12 -21.13
N ALA A 283 -7.20 -0.91 -20.74
CA ALA A 283 -6.27 0.02 -20.12
C ALA A 283 -5.82 -0.44 -18.72
N PHE A 284 -6.50 -1.47 -18.17
CA PHE A 284 -6.19 -2.04 -16.86
C PHE A 284 -5.60 -3.46 -16.92
N ALA A 285 -5.14 -3.90 -18.10
CA ALA A 285 -4.41 -5.18 -18.20
C ALA A 285 -3.20 -5.20 -17.27
N ASN A 286 -2.59 -4.04 -17.05
CA ASN A 286 -1.47 -3.91 -16.09
C ASN A 286 -1.83 -3.37 -14.72
N ALA A 287 -3.12 -3.41 -14.38
CA ALA A 287 -3.57 -3.04 -13.05
C ALA A 287 -3.52 -4.26 -12.11
N TYR A 288 -2.31 -4.79 -11.91
CA TYR A 288 -2.11 -5.94 -11.04
C TYR A 288 -0.95 -5.76 -10.08
N TRP A 289 -1.11 -6.31 -8.87
CA TRP A 289 0.01 -6.57 -7.99
C TRP A 289 0.61 -7.93 -8.38
N ASP A 290 1.94 -8.02 -8.40
CA ASP A 290 2.64 -9.32 -8.46
C ASP A 290 3.57 -9.32 -7.25
N ILE A 291 3.17 -10.11 -6.26
CA ILE A 291 3.86 -10.16 -4.98
C ILE A 291 4.61 -11.51 -4.83
N ALA A 292 5.93 -11.44 -4.61
CA ALA A 292 6.79 -12.64 -4.41
C ALA A 292 6.71 -13.21 -2.99
N SER A 293 6.61 -12.32 -2.00
CA SER A 293 6.48 -12.71 -0.59
C SER A 293 6.12 -11.49 0.29
N VAL A 294 5.43 -11.76 1.39
CA VAL A 294 5.32 -10.81 2.50
C VAL A 294 5.77 -11.59 3.74
N ARG A 295 6.71 -11.01 4.48
CA ARG A 295 7.17 -11.61 5.72
C ARG A 295 7.05 -10.61 6.86
N VAL A 296 6.65 -11.16 8.01
CA VAL A 296 6.53 -10.40 9.26
C VAL A 296 7.54 -10.97 10.28
N TYR A 297 8.23 -10.07 10.96
CA TYR A 297 9.16 -10.40 12.01
C TYR A 297 8.72 -9.69 13.25
N GLN A 298 8.90 -10.35 14.41
CA GLN A 298 8.58 -9.78 15.72
C GLN A 298 9.71 -10.06 16.70
#